data_5YEK
#
_entry.id   5YEK
#
_cell.length_a   37.905
_cell.length_b   193.941
_cell.length_c   54.000
_cell.angle_alpha   90.00
_cell.angle_beta   100.20
_cell.angle_gamma   90.00
#
_symmetry.space_group_name_H-M   'I 1 2 1'
#
loop_
_entity.id
_entity.type
_entity.pdbx_description
1 polymer 'TetR family transcriptional regulator'
2 water water
#
_entity_poly.entity_id   1
_entity_poly.type   'polypeptide(L)'
_entity_poly.pdbx_seq_one_letter_code
;MGSHHHHHHSSGLVPRGSHSDEVDAHMMQLHKPDVVAAATKILDDHGIADLTMRRLARELDVTPGALYWHFANKQELLGA
VADHILRTARTDTADLAWREQIHESCRALRDALLSHTDGAELVSASFASGQSVVITEIVEQLGRAARAAGVSDADVDAAA
RTVIYYVLGFTVDEQSRLQWDAVGALGDDQSMLTRDGTRQFRFGLQLLVDGLAAHGGGSEFTGFSSAERSFE
;
_entity_poly.pdbx_strand_id   A,B
#
# COMPACT_ATOMS: atom_id res chain seq x y z
N GLN A 29 19.34 8.70 0.61
CA GLN A 29 18.85 7.40 0.99
C GLN A 29 18.63 7.27 2.46
N LEU A 30 17.63 6.49 2.83
CA LEU A 30 17.33 6.20 4.20
C LEU A 30 18.35 5.28 4.76
N HIS A 31 18.55 5.39 6.05
CA HIS A 31 19.46 4.54 6.75
C HIS A 31 18.66 3.33 7.20
N LYS A 32 18.95 2.19 6.61
CA LYS A 32 18.26 0.93 6.87
C LYS A 32 17.87 0.63 8.27
N PRO A 33 18.82 0.58 9.17
CA PRO A 33 18.53 0.29 10.57
C PRO A 33 17.51 1.24 11.14
N ASP A 34 17.48 2.49 10.71
CA ASP A 34 16.36 3.35 11.10
C ASP A 34 15.03 2.74 10.67
N VAL A 35 14.95 2.36 9.40
CA VAL A 35 13.69 1.87 8.84
C VAL A 35 13.25 0.61 9.54
N VAL A 36 14.15 -0.36 9.70
CA VAL A 36 13.77 -1.61 10.35
C VAL A 36 13.37 -1.35 11.79
N ALA A 37 13.92 -0.32 12.42
CA ALA A 37 13.53 -0.04 13.80
C ALA A 37 12.14 0.59 13.85
N ALA A 38 11.85 1.53 12.95
CA ALA A 38 10.49 2.04 12.85
C ALA A 38 9.49 0.93 12.51
N ALA A 39 9.89 0.01 11.63
CA ALA A 39 9.02 -1.10 11.26
C ALA A 39 8.71 -1.97 12.46
N THR A 40 9.74 -2.30 13.26
CA THR A 40 9.56 -3.13 14.44
C THR A 40 8.63 -2.46 15.43
N LYS A 41 8.73 -1.13 15.54
CA LYS A 41 7.87 -0.43 16.50
C LYS A 41 6.42 -0.49 16.06
N ILE A 42 6.13 -0.37 14.75
CA ILE A 42 4.78 -0.56 14.22
C ILE A 42 4.27 -1.96 14.54
N LEU A 43 5.11 -2.97 14.35
CA LEU A 43 4.72 -4.35 14.68
C LEU A 43 4.35 -4.47 16.16
N ASP A 44 5.20 -3.95 17.06
CA ASP A 44 4.94 -4.09 18.49
C ASP A 44 3.64 -3.41 18.90
N ASP A 45 3.39 -2.19 18.39
CA ASP A 45 2.21 -1.43 18.79
C ASP A 45 0.95 -1.91 18.10
N HIS A 46 1.05 -2.34 16.84
CA HIS A 46 -0.15 -2.52 16.02
C HIS A 46 -0.29 -3.88 15.38
N GLY A 47 0.71 -4.75 15.44
CA GLY A 47 0.57 -6.08 14.87
C GLY A 47 0.97 -6.13 13.41
N ILE A 48 1.03 -7.36 12.90
CA ILE A 48 1.70 -7.59 11.64
C ILE A 48 0.81 -7.19 10.46
N ALA A 49 -0.51 -7.28 10.60
CA ALA A 49 -1.37 -6.86 9.49
C ALA A 49 -1.24 -5.37 9.20
N ASP A 50 -1.03 -4.56 10.25
CA ASP A 50 -0.83 -3.11 10.17
C ASP A 50 0.58 -2.70 9.70
N LEU A 51 1.56 -3.61 9.74
CA LEU A 51 2.89 -3.35 9.15
C LEU A 51 2.79 -3.39 7.63
N THR A 52 2.59 -2.22 7.00
CA THR A 52 2.49 -2.08 5.56
C THR A 52 3.50 -1.02 5.12
N MET A 53 3.77 -0.93 3.82
CA MET A 53 4.78 0.04 3.38
C MET A 53 4.23 1.45 3.46
N ARG A 54 2.96 1.63 3.21
CA ARG A 54 2.38 2.93 3.29
C ARG A 54 2.40 3.42 4.71
N ARG A 55 2.05 2.60 5.68
CA ARG A 55 2.12 2.98 7.09
C ARG A 55 3.54 3.22 7.58
N LEU A 56 4.49 2.38 7.14
CA LEU A 56 5.88 2.65 7.50
C LEU A 56 6.32 4.00 6.95
N ALA A 57 6.00 4.28 5.67
CA ALA A 57 6.39 5.56 5.07
C ALA A 57 5.85 6.74 5.86
N ARG A 58 4.64 6.61 6.41
CA ARG A 58 4.07 7.76 7.10
C ARG A 58 4.69 7.97 8.47
N GLU A 59 4.96 6.90 9.23
CA GLU A 59 5.61 7.07 10.52
C GLU A 59 7.02 7.63 10.36
N LEU A 60 7.72 7.23 9.29
CA LEU A 60 9.05 7.77 8.96
C LEU A 60 8.97 9.15 8.32
N ASP A 61 7.76 9.68 8.09
CA ASP A 61 7.55 10.98 7.45
C ASP A 61 8.39 11.10 6.17
N VAL A 62 8.28 10.10 5.31
CA VAL A 62 9.18 9.95 4.17
C VAL A 62 8.35 9.61 2.94
N THR A 63 8.94 9.83 1.77
CA THR A 63 8.28 9.42 0.54
C THR A 63 8.28 7.89 0.43
N PRO A 64 7.18 7.29 -0.02
CA PRO A 64 7.15 5.83 -0.09
C PRO A 64 8.18 5.26 -1.03
N GLY A 65 8.58 6.02 -2.07
CA GLY A 65 9.62 5.55 -2.97
C GLY A 65 10.95 5.35 -2.27
N ALA A 66 11.24 6.17 -1.27
CA ALA A 66 12.47 6.00 -0.50
C ALA A 66 12.50 4.67 0.24
N LEU A 67 11.33 4.15 0.64
CA LEU A 67 11.31 2.85 1.31
C LEU A 67 11.55 1.72 0.33
N TYR A 68 10.92 1.79 -0.84
CA TYR A 68 11.11 0.73 -1.81
C TYR A 68 12.54 0.66 -2.33
N TRP A 69 13.33 1.72 -2.11
CA TRP A 69 14.75 1.63 -2.41
C TRP A 69 15.42 0.52 -1.61
N HIS A 70 15.02 0.34 -0.36
CA HIS A 70 15.62 -0.69 0.48
C HIS A 70 14.91 -2.03 0.38
N PHE A 71 13.58 -2.06 0.22
CA PHE A 71 12.81 -3.29 0.30
C PHE A 71 11.85 -3.36 -0.88
N ALA A 72 11.97 -4.42 -1.67
CA ALA A 72 11.14 -4.57 -2.87
C ALA A 72 9.67 -4.67 -2.51
N ASN A 73 9.36 -5.34 -1.42
CA ASN A 73 7.97 -5.60 -1.05
C ASN A 73 7.91 -5.95 0.42
N LYS A 74 6.70 -6.18 0.90
CA LYS A 74 6.50 -6.43 2.32
C LYS A 74 7.30 -7.64 2.81
N GLN A 75 7.44 -8.66 1.96
CA GLN A 75 8.16 -9.87 2.37
C GLN A 75 9.65 -9.60 2.60
N GLU A 76 10.24 -8.71 1.83
CA GLU A 76 11.64 -8.34 2.08
C GLU A 76 11.76 -7.48 3.33
N LEU A 77 10.83 -6.55 3.54
CA LEU A 77 10.80 -5.81 4.80
C LEU A 77 10.65 -6.76 5.99
N LEU A 78 9.73 -7.71 5.90
CA LEU A 78 9.52 -8.63 7.01
C LEU A 78 10.76 -9.43 7.30
N GLY A 79 11.58 -9.71 6.29
CA GLY A 79 12.80 -10.46 6.50
C GLY A 79 13.80 -9.72 7.38
N ALA A 80 13.98 -8.42 7.13
CA ALA A 80 14.91 -7.63 7.96
C ALA A 80 14.37 -7.47 9.38
N VAL A 81 13.06 -7.28 9.53
CA VAL A 81 12.50 -7.19 10.88
C VAL A 81 12.78 -8.46 11.66
N ALA A 82 12.63 -9.60 10.99
CA ALA A 82 12.91 -10.88 11.64
C ALA A 82 14.37 -10.98 12.05
N ASP A 83 15.29 -10.56 11.17
CA ASP A 83 16.69 -10.61 11.56
C ASP A 83 16.93 -9.73 12.78
N HIS A 84 16.23 -8.61 12.82
CA HIS A 84 16.36 -7.71 13.91
C HIS A 84 15.85 -8.34 15.17
N ILE A 85 14.65 -8.89 15.16
CA ILE A 85 14.12 -9.50 16.35
C ILE A 85 14.82 -10.76 16.84
N LEU A 86 15.53 -11.45 15.98
CA LEU A 86 16.22 -12.65 16.39
C LEU A 86 17.71 -12.40 16.68
N ARG A 87 18.12 -11.15 16.74
CA ARG A 87 19.55 -10.86 16.86
C ARG A 87 20.14 -11.37 18.17
N THR A 88 19.32 -11.55 19.21
CA THR A 88 19.75 -12.17 20.45
C THR A 88 19.28 -13.60 20.57
N ALA A 89 18.75 -14.18 19.50
CA ALA A 89 18.19 -15.51 19.61
C ALA A 89 19.21 -16.63 19.46
N ARG A 90 20.36 -16.37 18.85
CA ARG A 90 21.23 -17.48 18.46
C ARG A 90 22.50 -17.54 19.31
N LEU A 96 26.89 -27.14 23.97
CA LEU A 96 27.40 -28.28 24.71
C LEU A 96 26.88 -29.67 24.34
N ALA A 97 26.13 -30.31 25.22
CA ALA A 97 25.61 -31.63 24.96
C ALA A 97 24.48 -31.54 23.96
N TRP A 98 24.47 -32.43 22.95
CA TRP A 98 23.43 -32.36 21.90
C TRP A 98 21.98 -32.24 22.37
N ARG A 99 21.50 -33.09 23.25
CA ARG A 99 20.14 -32.97 23.68
C ARG A 99 19.94 -31.63 24.36
N GLU A 100 20.97 -31.12 25.00
CA GLU A 100 20.88 -29.86 25.67
C GLU A 100 20.92 -28.73 24.70
N GLN A 101 21.70 -28.86 23.67
CA GLN A 101 21.82 -27.77 22.71
C GLN A 101 20.53 -27.51 21.88
N ILE A 102 19.59 -28.43 21.91
CA ILE A 102 18.38 -28.32 21.17
C ILE A 102 17.34 -27.65 22.03
N HIS A 103 17.31 -28.02 23.29
CA HIS A 103 16.36 -27.51 24.21
C HIS A 103 16.58 -26.05 24.47
N GLU A 104 17.82 -25.65 24.35
CA GLU A 104 18.24 -24.31 24.65
C GLU A 104 18.12 -23.40 23.46
N SER A 105 18.52 -23.85 22.30
CA SER A 105 18.35 -23.01 21.12
C SER A 105 16.85 -22.79 20.78
N CYS A 106 16.01 -23.74 21.14
CA CYS A 106 14.61 -23.63 20.93
C CYS A 106 13.98 -22.73 22.01
N ARG A 107 14.42 -22.86 23.24
CA ARG A 107 13.91 -21.98 24.28
C ARG A 107 14.21 -20.52 23.95
N ALA A 108 15.43 -20.25 23.49
CA ALA A 108 15.80 -18.88 23.16
C ALA A 108 15.09 -18.38 21.90
N LEU A 109 14.80 -19.27 20.95
CA LEU A 109 14.02 -18.86 19.78
C LEU A 109 12.59 -18.49 20.19
N ARG A 110 11.95 -19.34 20.97
CA ARG A 110 10.56 -19.08 21.37
C ARG A 110 10.47 -17.81 22.23
N ASP A 111 11.41 -17.61 23.14
CA ASP A 111 11.38 -16.42 23.99
C ASP A 111 11.52 -15.14 23.15
N ALA A 112 12.36 -15.17 22.10
CA ALA A 112 12.45 -13.99 21.24
C ALA A 112 11.16 -13.78 20.43
N LEU A 113 10.54 -14.87 19.93
CA LEU A 113 9.29 -14.70 19.21
C LEU A 113 8.21 -14.09 20.10
N LEU A 114 8.24 -14.42 21.39
CA LEU A 114 7.23 -13.97 22.33
C LEU A 114 7.46 -12.55 22.82
N SER A 115 8.64 -11.99 22.59
CA SER A 115 8.87 -10.62 23.02
C SER A 115 8.36 -9.57 22.03
N HIS A 116 7.77 -9.96 20.90
CA HIS A 116 7.16 -8.99 20.00
C HIS A 116 5.77 -9.45 19.56
N THR A 117 4.85 -8.50 19.48
CA THR A 117 3.54 -8.74 18.90
C THR A 117 3.67 -9.51 17.59
N ASP A 118 2.93 -10.62 17.48
CA ASP A 118 2.92 -11.48 16.28
C ASP A 118 4.33 -11.89 15.85
N GLY A 119 5.25 -12.02 16.79
CA GLY A 119 6.61 -12.39 16.41
C GLY A 119 6.71 -13.73 15.71
N ALA A 120 5.99 -14.73 16.20
CA ALA A 120 6.16 -16.08 15.63
C ALA A 120 5.58 -16.14 14.21
N GLU A 121 4.40 -15.56 13.99
CA GLU A 121 3.85 -15.46 12.63
C GLU A 121 4.81 -14.75 11.67
N LEU A 122 5.33 -13.60 12.05
CA LEU A 122 6.31 -12.91 11.19
C LEU A 122 7.51 -13.79 10.89
N VAL A 123 8.09 -14.42 11.93
CA VAL A 123 9.27 -15.22 11.67
C VAL A 123 8.91 -16.46 10.83
N SER A 124 7.71 -17.01 11.02
CA SER A 124 7.27 -18.13 10.18
C SER A 124 7.24 -17.74 8.70
N ALA A 125 6.80 -16.51 8.40
CA ALA A 125 6.69 -16.09 7.00
C ALA A 125 8.05 -15.80 6.38
N SER A 126 9.02 -15.37 7.20
CA SER A 126 10.35 -15.05 6.69
C SER A 126 11.15 -16.32 6.37
N PHE A 127 11.00 -17.34 7.21
CA PHE A 127 11.52 -18.68 6.94
C PHE A 127 10.98 -19.21 5.61
N ALA A 128 9.66 -19.18 5.44
CA ALA A 128 9.05 -19.68 4.20
C ALA A 128 9.60 -18.94 3.00
N SER A 129 9.76 -17.62 3.11
CA SER A 129 10.18 -16.80 1.99
C SER A 129 11.69 -16.81 1.79
N GLY A 130 12.44 -17.40 2.72
CA GLY A 130 13.89 -17.37 2.67
C GLY A 130 14.53 -16.01 2.86
N GLN A 131 13.82 -15.06 3.49
CA GLN A 131 14.31 -13.69 3.61
C GLN A 131 15.03 -13.39 4.92
N SER A 132 15.08 -14.33 5.87
CA SER A 132 15.79 -14.10 7.12
C SER A 132 17.04 -14.97 7.16
N VAL A 133 18.20 -14.33 7.27
CA VAL A 133 19.47 -15.04 7.38
C VAL A 133 19.56 -15.76 8.73
N VAL A 134 19.13 -15.09 9.77
CA VAL A 134 19.23 -15.63 11.08
C VAL A 134 18.51 -16.91 11.35
N ILE A 135 17.34 -17.12 10.80
CA ILE A 135 16.62 -18.34 11.05
C ILE A 135 17.28 -19.53 10.36
N THR A 136 17.91 -19.28 9.23
CA THR A 136 18.62 -20.32 8.53
C THR A 136 19.91 -20.64 9.28
N GLU A 137 20.50 -19.62 9.90
CA GLU A 137 21.70 -19.75 10.74
C GLU A 137 21.31 -20.54 11.97
N ILE A 138 20.10 -20.35 12.48
CA ILE A 138 19.63 -21.12 13.58
C ILE A 138 19.43 -22.59 13.32
N VAL A 139 18.95 -22.85 12.12
CA VAL A 139 18.60 -24.17 11.64
C VAL A 139 19.82 -25.02 11.28
N GLU A 140 20.78 -24.33 10.69
CA GLU A 140 22.06 -24.90 10.36
C GLU A 140 22.72 -25.34 11.66
N GLN A 141 22.43 -24.67 12.78
CA GLN A 141 22.97 -25.04 14.06
C GLN A 141 22.29 -26.24 14.53
N LEU A 142 21.00 -26.25 14.37
CA LEU A 142 20.25 -27.38 14.84
C LEU A 142 20.54 -28.67 14.08
N GLY A 143 21.03 -28.54 12.86
CA GLY A 143 21.37 -29.72 12.09
C GLY A 143 22.50 -30.48 12.78
N ARG A 144 23.55 -29.72 13.09
CA ARG A 144 24.70 -30.22 13.82
C ARG A 144 24.31 -31.03 15.02
N ALA A 145 23.35 -30.56 15.79
CA ALA A 145 22.93 -31.35 16.89
C ALA A 145 22.23 -32.57 16.39
N ALA A 146 21.79 -32.57 15.14
CA ALA A 146 21.13 -33.75 14.62
C ALA A 146 22.18 -34.78 14.22
N ARG A 147 23.29 -34.34 13.63
CA ARG A 147 24.39 -35.21 13.22
C ARG A 147 24.85 -35.97 14.44
N ALA A 148 25.14 -35.23 15.48
CA ALA A 148 25.54 -35.79 16.73
C ALA A 148 24.64 -36.89 17.26
N ALA A 149 23.34 -36.68 17.26
CA ALA A 149 22.46 -37.68 17.78
C ALA A 149 22.42 -38.95 16.95
N GLY A 150 23.13 -38.94 15.83
CA GLY A 150 23.21 -40.12 15.00
C GLY A 150 22.29 -40.12 13.82
N VAL A 151 21.97 -38.92 13.38
CA VAL A 151 21.10 -38.70 12.25
C VAL A 151 21.99 -38.69 11.06
N SER A 152 21.58 -39.40 10.05
CA SER A 152 22.37 -39.49 8.86
C SER A 152 22.55 -38.17 8.17
N ASP A 153 23.65 -37.98 7.44
CA ASP A 153 23.92 -36.72 6.79
C ASP A 153 23.01 -36.25 5.68
N ALA A 154 22.21 -37.14 5.12
CA ALA A 154 21.30 -36.72 4.08
C ALA A 154 19.97 -36.27 4.66
N ASP A 155 19.70 -36.63 5.91
CA ASP A 155 18.51 -36.24 6.60
C ASP A 155 18.76 -35.19 7.70
N VAL A 156 19.89 -34.51 7.73
CA VAL A 156 20.12 -33.57 8.85
C VAL A 156 19.29 -32.31 8.81
N ASP A 157 19.28 -31.64 7.68
CA ASP A 157 18.55 -30.41 7.66
C ASP A 157 17.05 -30.65 7.71
N ALA A 158 16.61 -31.84 7.33
CA ALA A 158 15.24 -32.21 7.41
C ALA A 158 14.85 -32.40 8.84
N ALA A 159 15.81 -32.81 9.67
CA ALA A 159 15.53 -32.98 11.07
C ALA A 159 15.55 -31.63 11.76
N ALA A 160 16.38 -30.74 11.31
CA ALA A 160 16.47 -29.43 11.86
C ALA A 160 15.14 -28.74 11.67
N ARG A 161 14.72 -28.68 10.42
CA ARG A 161 13.46 -28.11 10.02
C ARG A 161 12.32 -28.74 10.75
N THR A 162 12.33 -30.04 10.91
CA THR A 162 11.25 -30.66 11.68
C THR A 162 11.09 -30.00 13.04
N VAL A 163 12.21 -29.74 13.73
CA VAL A 163 12.13 -29.09 15.04
C VAL A 163 11.60 -27.66 14.89
N ILE A 164 12.12 -26.91 13.93
CA ILE A 164 11.73 -25.51 13.77
C ILE A 164 10.26 -25.36 13.40
N TYR A 165 9.69 -26.32 12.64
CA TYR A 165 8.25 -26.31 12.34
C TYR A 165 7.43 -26.52 13.60
N TYR A 166 7.88 -27.39 14.50
CA TYR A 166 7.20 -27.53 15.79
C TYR A 166 7.20 -26.21 16.56
N VAL A 167 8.37 -25.57 16.65
CA VAL A 167 8.50 -24.38 17.50
C VAL A 167 7.63 -23.25 16.97
N LEU A 168 7.74 -22.98 15.68
CA LEU A 168 6.87 -22.00 15.02
C LEU A 168 5.41 -22.39 15.15
N GLY A 169 5.08 -23.64 14.78
CA GLY A 169 3.75 -24.17 15.00
C GLY A 169 3.25 -23.95 16.41
N PHE A 170 4.05 -24.31 17.41
CA PHE A 170 3.63 -24.14 18.80
C PHE A 170 3.47 -22.66 19.18
N THR A 171 4.41 -21.81 18.76
CA THR A 171 4.42 -20.43 19.27
C THR A 171 3.44 -19.52 18.52
N VAL A 172 3.17 -19.79 17.25
CA VAL A 172 2.08 -19.09 16.58
C VAL A 172 0.76 -19.33 17.31
N ASP A 173 0.49 -20.59 17.67
CA ASP A 173 -0.74 -20.92 18.39
C ASP A 173 -0.79 -20.20 19.73
N GLU A 174 0.23 -20.38 20.55
CA GLU A 174 0.32 -19.72 21.85
C GLU A 174 0.13 -18.21 21.75
N GLN A 175 0.91 -17.57 20.87
CA GLN A 175 0.86 -16.12 20.76
C GLN A 175 -0.52 -15.64 20.33
N SER A 176 -1.16 -16.33 19.37
CA SER A 176 -2.50 -15.96 18.98
C SER A 176 -3.45 -15.97 20.17
N ARG A 177 -3.28 -16.96 21.06
CA ARG A 177 -4.19 -17.11 22.20
C ARG A 177 -3.87 -16.11 23.32
N LEU A 178 -2.59 -15.87 23.63
CA LEU A 178 -2.27 -14.83 24.61
C LEU A 178 -2.81 -13.46 24.16
N GLN A 179 -2.77 -13.18 22.86
CA GLN A 179 -3.15 -11.86 22.35
C GLN A 179 -4.67 -11.67 22.31
N TRP A 180 -5.41 -12.71 21.93
CA TRP A 180 -6.85 -12.77 22.25
C TRP A 180 -6.96 -13.24 23.70
N ASP A 181 -6.80 -12.32 24.63
CA ASP A 181 -6.69 -12.65 26.06
C ASP A 181 -7.71 -13.69 26.53
N GLY A 197 2.14 -23.23 29.84
CA GLY A 197 3.06 -22.49 29.00
C GLY A 197 4.25 -23.28 28.49
N THR A 198 5.39 -23.12 29.13
CA THR A 198 6.59 -23.81 28.70
C THR A 198 6.65 -25.28 29.11
N ARG A 199 5.72 -25.70 29.92
CA ARG A 199 5.73 -27.07 30.33
C ARG A 199 5.44 -27.90 29.11
N GLN A 200 4.37 -27.57 28.43
CA GLN A 200 3.99 -28.23 27.20
C GLN A 200 5.06 -28.07 26.15
N PHE A 201 5.63 -26.91 26.05
CA PHE A 201 6.64 -26.66 25.07
C PHE A 201 7.81 -27.61 25.26
N ARG A 202 8.24 -27.79 26.50
CA ARG A 202 9.33 -28.68 26.78
C ARG A 202 8.95 -30.12 26.46
N PHE A 203 7.74 -30.49 26.83
CA PHE A 203 7.25 -31.81 26.60
C PHE A 203 7.17 -32.23 25.16
N GLY A 204 6.84 -31.29 24.28
CA GLY A 204 6.77 -31.50 22.86
C GLY A 204 8.18 -31.62 22.34
N LEU A 205 9.01 -30.76 22.85
CA LEU A 205 10.40 -30.79 22.49
C LEU A 205 11.13 -32.06 22.99
N GLN A 206 10.57 -32.71 24.00
CA GLN A 206 11.19 -33.91 24.52
C GLN A 206 10.90 -35.10 23.62
N LEU A 207 9.83 -35.02 22.82
CA LEU A 207 9.47 -36.04 21.87
C LEU A 207 10.43 -36.04 20.73
N LEU A 208 10.78 -34.86 20.24
CA LEU A 208 11.69 -34.77 19.15
C LEU A 208 13.10 -35.19 19.53
N VAL A 209 13.54 -34.85 20.74
CA VAL A 209 14.85 -35.27 21.22
C VAL A 209 14.96 -36.79 21.18
N ASP A 210 13.95 -37.48 21.74
CA ASP A 210 13.92 -38.93 21.73
C ASP A 210 13.95 -39.48 20.31
N GLY A 211 13.04 -39.00 19.44
CA GLY A 211 13.04 -39.46 18.07
C GLY A 211 14.36 -39.28 17.36
N LEU A 212 15.09 -38.22 17.67
CA LEU A 212 16.42 -38.08 17.10
C LEU A 212 17.39 -39.09 17.71
N ALA A 213 17.08 -39.60 18.91
CA ALA A 213 17.99 -40.53 19.58
C ALA A 213 18.00 -41.88 18.88
N ALA A 214 16.86 -42.27 18.35
CA ALA A 214 16.78 -43.48 17.61
C ALA A 214 17.40 -43.31 16.22
N HIS A 215 18.08 -42.20 16.00
CA HIS A 215 18.67 -41.82 14.72
C HIS A 215 17.57 -41.63 13.67
N MET B 28 13.18 -5.75 -16.53
CA MET B 28 11.82 -5.22 -16.67
C MET B 28 11.83 -3.69 -16.81
N GLN B 29 10.84 -3.16 -17.51
CA GLN B 29 10.91 -1.81 -18.04
C GLN B 29 9.50 -1.25 -18.08
N LEU B 30 9.22 -0.32 -17.20
CA LEU B 30 7.92 0.30 -17.10
C LEU B 30 7.92 1.65 -17.72
N HIS B 31 6.97 1.94 -18.56
CA HIS B 31 6.90 3.25 -19.20
C HIS B 31 5.68 3.98 -18.67
N LYS B 32 5.84 5.26 -18.41
CA LYS B 32 4.82 6.10 -17.85
C LYS B 32 3.41 6.03 -18.42
N PRO B 33 3.23 6.07 -19.72
CA PRO B 33 1.88 5.97 -20.29
C PRO B 33 1.24 4.62 -20.04
N ASP B 34 2.00 3.54 -19.91
CA ASP B 34 1.39 2.27 -19.56
C ASP B 34 0.82 2.34 -18.15
N VAL B 35 1.50 2.99 -17.21
CA VAL B 35 0.99 3.04 -15.87
C VAL B 35 -0.28 3.87 -15.77
N VAL B 36 -0.32 4.93 -16.54
CA VAL B 36 -1.47 5.77 -16.52
C VAL B 36 -2.67 5.07 -17.08
N ALA B 37 -2.46 4.28 -18.12
CA ALA B 37 -3.50 3.50 -18.74
C ALA B 37 -4.02 2.42 -17.81
N ALA B 38 -3.12 1.76 -17.10
CA ALA B 38 -3.51 0.75 -16.14
C ALA B 38 -4.32 1.37 -15.00
N ALA B 39 -3.91 2.53 -14.55
CA ALA B 39 -4.58 3.24 -13.50
C ALA B 39 -5.97 3.63 -13.88
N THR B 40 -6.15 4.03 -15.13
CA THR B 40 -7.44 4.40 -15.64
C THR B 40 -8.36 3.19 -15.76
N LYS B 41 -7.78 2.04 -16.02
CA LYS B 41 -8.53 0.82 -16.13
C LYS B 41 -9.08 0.44 -14.76
N ILE B 42 -8.27 0.56 -13.75
CA ILE B 42 -8.69 0.26 -12.41
C ILE B 42 -9.79 1.22 -11.97
N LEU B 43 -9.65 2.48 -12.30
CA LEU B 43 -10.65 3.44 -11.98
C LEU B 43 -11.99 3.06 -12.56
N ASP B 44 -12.00 2.75 -13.83
CA ASP B 44 -13.22 2.40 -14.50
C ASP B 44 -13.90 1.14 -13.97
N ASP B 45 -13.11 0.11 -13.70
CA ASP B 45 -13.67 -1.15 -13.27
C ASP B 45 -13.98 -1.21 -11.81
N HIS B 46 -13.30 -0.47 -10.99
CA HIS B 46 -13.47 -0.62 -9.56
C HIS B 46 -13.69 0.68 -8.79
N GLY B 47 -13.51 1.85 -9.42
CA GLY B 47 -13.75 3.08 -8.74
C GLY B 47 -12.53 3.58 -7.98
N ILE B 48 -12.65 4.84 -7.52
CA ILE B 48 -11.47 5.58 -7.08
C ILE B 48 -10.91 5.02 -5.77
N ALA B 49 -11.76 4.50 -4.88
CA ALA B 49 -11.26 3.94 -3.62
C ALA B 49 -10.34 2.74 -3.84
N ASP B 50 -10.55 1.99 -4.93
CA ASP B 50 -9.71 0.84 -5.21
C ASP B 50 -8.43 1.19 -5.96
N LEU B 51 -8.27 2.44 -6.40
CA LEU B 51 -7.07 2.88 -7.12
C LEU B 51 -5.98 3.12 -6.09
N THR B 52 -5.23 2.07 -5.81
CA THR B 52 -4.18 2.13 -4.81
C THR B 52 -2.86 1.78 -5.47
N MET B 53 -1.74 2.19 -4.85
CA MET B 53 -0.44 1.96 -5.48
C MET B 53 -0.11 0.48 -5.55
N ARG B 54 -0.51 -0.30 -4.54
CA ARG B 54 -0.25 -1.74 -4.59
C ARG B 54 -1.14 -2.44 -5.62
N ARG B 55 -2.41 -2.04 -5.76
CA ARG B 55 -3.23 -2.68 -6.77
C ARG B 55 -2.78 -2.28 -8.17
N LEU B 56 -2.45 -1.01 -8.37
CA LEU B 56 -1.86 -0.60 -9.65
C LEU B 56 -0.65 -1.48 -10.01
N ALA B 57 0.27 -1.64 -9.09
CA ALA B 57 1.45 -2.47 -9.33
C ALA B 57 1.05 -3.91 -9.65
N ARG B 58 0.00 -4.42 -9.00
CA ARG B 58 -0.42 -5.80 -9.25
C ARG B 58 -0.98 -5.96 -10.65
N GLU B 59 -1.71 -4.96 -11.15
CA GLU B 59 -2.26 -5.10 -12.49
C GLU B 59 -1.26 -4.76 -13.58
N LEU B 60 -0.14 -4.13 -13.25
CA LEU B 60 0.97 -4.03 -14.16
C LEU B 60 1.96 -5.18 -14.01
N ASP B 61 1.71 -6.10 -13.06
CA ASP B 61 2.60 -7.23 -12.81
C ASP B 61 4.03 -6.75 -12.51
N VAL B 62 4.16 -6.03 -11.40
CA VAL B 62 5.34 -5.21 -11.13
C VAL B 62 5.43 -5.00 -9.63
N THR B 63 6.66 -4.94 -9.08
CA THR B 63 6.79 -4.53 -7.68
C THR B 63 6.41 -3.06 -7.53
N PRO B 64 5.85 -2.66 -6.39
CA PRO B 64 5.35 -1.29 -6.25
C PRO B 64 6.43 -0.25 -6.45
N GLY B 65 7.70 -0.59 -6.24
CA GLY B 65 8.76 0.39 -6.38
C GLY B 65 8.88 0.93 -7.79
N ALA B 66 8.57 0.11 -8.80
CA ALA B 66 8.66 0.55 -10.18
C ALA B 66 7.80 1.77 -10.46
N LEU B 67 6.64 1.89 -9.77
CA LEU B 67 5.75 3.05 -9.96
C LEU B 67 6.43 4.36 -9.61
N TYR B 68 7.31 4.35 -8.61
CA TYR B 68 7.93 5.57 -8.11
C TYR B 68 9.07 6.07 -9.00
N TRP B 69 9.47 5.29 -10.00
CA TRP B 69 10.28 5.84 -11.10
C TRP B 69 9.57 6.98 -11.79
N HIS B 70 8.23 6.92 -11.86
CA HIS B 70 7.48 7.92 -12.61
C HIS B 70 6.63 8.84 -11.74
N PHE B 71 6.28 8.43 -10.53
CA PHE B 71 5.34 9.17 -9.70
C PHE B 71 5.84 9.15 -8.27
N ALA B 72 5.95 10.33 -7.67
CA ALA B 72 6.45 10.39 -6.30
C ALA B 72 5.40 9.99 -5.28
N ASN B 73 4.11 10.07 -5.62
CA ASN B 73 3.07 9.75 -4.67
C ASN B 73 1.74 9.59 -5.39
N LYS B 74 0.74 9.15 -4.62
CA LYS B 74 -0.57 8.88 -5.20
C LYS B 74 -1.18 10.15 -5.78
N GLN B 75 -1.00 11.29 -5.12
CA GLN B 75 -1.63 12.49 -5.65
C GLN B 75 -1.05 12.88 -7.00
N GLU B 76 0.25 12.68 -7.22
CA GLU B 76 0.79 12.88 -8.56
C GLU B 76 0.17 11.89 -9.56
N LEU B 77 -0.03 10.64 -9.14
CA LEU B 77 -0.63 9.65 -10.03
C LEU B 77 -2.05 10.06 -10.44
N LEU B 78 -2.86 10.48 -9.46
CA LEU B 78 -4.24 10.84 -9.79
C LEU B 78 -4.29 12.04 -10.72
N GLY B 79 -3.34 12.98 -10.56
CA GLY B 79 -3.29 14.12 -11.47
C GLY B 79 -3.00 13.70 -12.91
N ALA B 80 -2.14 12.69 -13.08
CA ALA B 80 -1.88 12.17 -14.42
C ALA B 80 -3.12 11.51 -15.02
N VAL B 81 -3.92 10.80 -14.23
CA VAL B 81 -5.10 10.21 -14.86
C VAL B 81 -6.23 11.24 -14.98
N ALA B 82 -6.28 12.25 -14.11
CA ALA B 82 -7.18 13.37 -14.37
C ALA B 82 -6.89 13.98 -15.75
N ASP B 83 -5.63 14.27 -16.06
CA ASP B 83 -5.28 14.83 -17.36
C ASP B 83 -5.51 13.81 -18.48
N HIS B 84 -5.37 12.52 -18.18
CA HIS B 84 -5.61 11.49 -19.19
C HIS B 84 -7.07 11.44 -19.60
N ILE B 85 -8.00 11.52 -18.64
CA ILE B 85 -9.43 11.47 -18.98
C ILE B 85 -10.01 12.83 -19.35
N LEU B 86 -9.29 13.92 -19.11
CA LEU B 86 -9.69 15.24 -19.58
C LEU B 86 -9.04 15.69 -20.91
N ARG B 87 -8.26 14.82 -21.52
CA ARG B 87 -7.52 15.15 -22.70
C ARG B 87 -8.29 15.65 -23.88
N THR B 88 -9.52 15.19 -24.04
CA THR B 88 -10.31 15.65 -25.16
C THR B 88 -11.28 16.74 -24.76
N ALA B 89 -11.45 16.95 -23.46
CA ALA B 89 -12.33 17.97 -22.93
C ALA B 89 -11.88 19.42 -23.12
N ARG B 90 -10.67 19.68 -23.58
CA ARG B 90 -10.23 21.03 -23.83
C ARG B 90 -9.97 21.16 -25.31
N TRP B 98 -19.62 35.07 -25.40
CA TRP B 98 -19.01 34.50 -24.21
C TRP B 98 -19.92 33.56 -23.50
N ARG B 99 -21.23 33.76 -23.58
CA ARG B 99 -22.15 32.90 -22.91
C ARG B 99 -21.98 31.50 -23.44
N GLU B 100 -21.96 31.37 -24.75
CA GLU B 100 -21.83 30.08 -25.37
C GLU B 100 -20.55 29.37 -25.02
N GLN B 101 -19.45 30.09 -24.91
CA GLN B 101 -18.19 29.41 -24.57
C GLN B 101 -18.21 28.82 -23.14
N ILE B 102 -18.97 29.42 -22.25
CA ILE B 102 -19.09 28.93 -20.92
C ILE B 102 -19.88 27.66 -20.97
N HIS B 103 -20.97 27.70 -21.72
CA HIS B 103 -21.83 26.56 -21.85
C HIS B 103 -21.16 25.39 -22.49
N GLU B 104 -20.33 25.64 -23.47
CA GLU B 104 -19.66 24.58 -24.18
C GLU B 104 -18.49 23.93 -23.45
N SER B 105 -17.75 24.71 -22.72
CA SER B 105 -16.62 24.27 -21.94
C SER B 105 -17.05 23.43 -20.78
N CYS B 106 -18.25 23.69 -20.29
CA CYS B 106 -18.80 23.03 -19.16
C CYS B 106 -19.46 21.75 -19.65
N ARG B 107 -20.03 21.79 -20.85
CA ARG B 107 -20.68 20.64 -21.44
C ARG B 107 -19.64 19.61 -21.74
N ALA B 108 -18.51 20.05 -22.24
CA ALA B 108 -17.44 19.16 -22.54
C ALA B 108 -16.76 18.60 -21.31
N LEU B 109 -16.79 19.33 -20.21
CA LEU B 109 -16.15 18.85 -19.01
C LEU B 109 -17.02 17.80 -18.37
N ARG B 110 -18.29 18.09 -18.18
CA ARG B 110 -19.17 17.13 -17.53
C ARG B 110 -19.22 15.80 -18.28
N ASP B 111 -19.16 15.85 -19.60
CA ASP B 111 -19.25 14.62 -20.37
C ASP B 111 -17.96 13.83 -20.33
N ALA B 112 -16.80 14.47 -20.34
CA ALA B 112 -15.57 13.73 -20.04
C ALA B 112 -15.64 13.07 -18.67
N LEU B 113 -16.17 13.79 -17.66
CA LEU B 113 -16.23 13.27 -16.29
C LEU B 113 -17.13 12.04 -16.22
N LEU B 114 -18.32 12.15 -16.80
CA LEU B 114 -19.35 11.11 -16.81
C LEU B 114 -18.95 9.84 -17.55
N SER B 115 -17.91 9.88 -18.37
CA SER B 115 -17.45 8.71 -19.10
C SER B 115 -16.44 7.86 -18.33
N HIS B 116 -16.22 8.13 -17.03
CA HIS B 116 -15.35 7.31 -16.19
C HIS B 116 -15.98 7.16 -14.83
N THR B 117 -15.99 5.95 -14.32
CA THR B 117 -16.37 5.71 -12.94
C THR B 117 -15.64 6.67 -12.00
N ASP B 118 -16.40 7.32 -11.12
CA ASP B 118 -15.84 8.29 -10.18
C ASP B 118 -15.01 9.37 -10.87
N GLY B 119 -15.40 9.72 -12.10
CA GLY B 119 -14.61 10.68 -12.86
C GLY B 119 -14.59 12.03 -12.20
N ALA B 120 -15.72 12.47 -11.65
CA ALA B 120 -15.74 13.82 -11.09
C ALA B 120 -15.04 13.86 -9.73
N GLU B 121 -15.20 12.84 -8.89
CA GLU B 121 -14.46 12.83 -7.62
C GLU B 121 -12.96 12.86 -7.86
N LEU B 122 -12.48 12.14 -8.86
CA LEU B 122 -11.06 12.12 -9.14
C LEU B 122 -10.57 13.49 -9.61
N VAL B 123 -11.32 14.12 -10.52
CA VAL B 123 -10.91 15.45 -10.99
C VAL B 123 -11.04 16.48 -9.88
N SER B 124 -12.06 16.38 -9.01
CA SER B 124 -12.13 17.28 -7.85
C SER B 124 -10.87 17.19 -6.98
N ALA B 125 -10.34 15.98 -6.77
CA ALA B 125 -9.20 15.82 -5.87
C ALA B 125 -7.92 16.36 -6.48
N SER B 126 -7.77 16.22 -7.79
CA SER B 126 -6.56 16.69 -8.47
C SER B 126 -6.57 18.19 -8.72
N PHE B 127 -7.75 18.82 -8.69
CA PHE B 127 -7.85 20.27 -8.72
C PHE B 127 -7.42 20.85 -7.37
N ALA B 128 -7.96 20.29 -6.28
CA ALA B 128 -7.55 20.73 -4.95
C ALA B 128 -6.04 20.60 -4.76
N SER B 129 -5.46 19.50 -5.24
CA SER B 129 -4.04 19.24 -5.03
C SER B 129 -3.14 19.97 -6.01
N GLY B 130 -3.71 20.68 -6.98
CA GLY B 130 -2.95 21.33 -8.01
C GLY B 130 -2.25 20.42 -8.99
N GLN B 131 -2.51 19.11 -8.94
CA GLN B 131 -1.73 18.18 -9.75
C GLN B 131 -2.27 17.99 -11.15
N SER B 132 -3.40 18.60 -11.51
CA SER B 132 -4.01 18.39 -12.82
C SER B 132 -3.67 19.55 -13.75
N VAL B 133 -2.91 19.27 -14.77
CA VAL B 133 -2.49 20.27 -15.70
C VAL B 133 -3.61 20.81 -16.54
N VAL B 134 -4.43 19.93 -17.11
CA VAL B 134 -5.49 20.41 -17.99
C VAL B 134 -6.67 21.04 -17.33
N ILE B 135 -6.86 20.77 -16.05
CA ILE B 135 -7.96 21.41 -15.34
C ILE B 135 -7.66 22.89 -15.10
N THR B 136 -6.38 23.23 -14.98
CA THR B 136 -5.91 24.58 -14.84
C THR B 136 -6.25 25.33 -16.12
N GLU B 137 -6.00 24.72 -17.27
CA GLU B 137 -6.30 25.32 -18.55
C GLU B 137 -7.75 25.66 -18.71
N ILE B 138 -8.63 24.80 -18.26
CA ILE B 138 -10.04 25.05 -18.34
C ILE B 138 -10.46 26.23 -17.49
N VAL B 139 -9.78 26.48 -16.38
CA VAL B 139 -10.14 27.62 -15.56
C VAL B 139 -9.68 28.90 -16.23
N GLU B 140 -8.56 28.84 -16.92
CA GLU B 140 -8.00 29.95 -17.66
C GLU B 140 -9.02 30.32 -18.71
N GLN B 141 -9.39 29.36 -19.53
CA GLN B 141 -10.40 29.54 -20.56
C GLN B 141 -11.70 30.12 -20.05
N LEU B 142 -12.16 29.69 -18.88
CA LEU B 142 -13.33 30.28 -18.32
C LEU B 142 -13.03 31.71 -17.78
N GLY B 143 -11.79 32.00 -17.46
CA GLY B 143 -11.42 33.30 -16.98
C GLY B 143 -11.65 34.33 -18.05
N ARG B 144 -11.13 34.04 -19.24
CA ARG B 144 -11.27 34.91 -20.40
C ARG B 144 -12.71 35.26 -20.68
N ALA B 145 -13.60 34.28 -20.64
CA ALA B 145 -14.99 34.56 -20.85
C ALA B 145 -15.52 35.43 -19.74
N ALA B 146 -15.10 35.19 -18.51
CA ALA B 146 -15.56 35.97 -17.37
C ALA B 146 -15.24 37.45 -17.47
N ARG B 147 -14.06 37.80 -17.96
CA ARG B 147 -13.72 39.21 -18.12
C ARG B 147 -14.50 39.79 -19.28
N ALA B 148 -14.81 38.97 -20.29
CA ALA B 148 -15.64 39.37 -21.39
C ALA B 148 -17.08 39.75 -20.98
N ALA B 149 -17.59 39.26 -19.87
CA ALA B 149 -18.90 39.65 -19.36
C ALA B 149 -18.81 40.86 -18.44
N GLY B 150 -17.60 41.35 -18.21
CA GLY B 150 -17.42 42.52 -17.36
C GLY B 150 -17.02 42.27 -15.92
N VAL B 151 -16.31 41.19 -15.69
CA VAL B 151 -15.88 40.88 -14.36
C VAL B 151 -14.59 41.64 -14.10
N SER B 152 -14.51 42.18 -12.91
CA SER B 152 -13.33 42.92 -12.53
C SER B 152 -12.12 42.03 -12.58
N ASP B 153 -10.98 42.56 -12.89
CA ASP B 153 -9.77 41.77 -12.96
C ASP B 153 -9.41 40.89 -11.74
N ALA B 154 -9.73 41.36 -10.55
CA ALA B 154 -9.44 40.61 -9.35
C ALA B 154 -10.48 39.53 -9.06
N ASP B 155 -11.62 39.57 -9.71
CA ASP B 155 -12.64 38.57 -9.52
C ASP B 155 -12.75 37.61 -10.68
N VAL B 156 -11.81 37.66 -11.60
CA VAL B 156 -11.88 36.79 -12.74
C VAL B 156 -11.70 35.33 -12.34
N ASP B 157 -10.66 35.07 -11.57
CA ASP B 157 -10.35 33.73 -11.15
C ASP B 157 -11.33 33.11 -10.21
N ALA B 158 -11.98 33.94 -9.43
CA ALA B 158 -12.97 33.45 -8.52
C ALA B 158 -14.24 33.10 -9.28
N ALA B 159 -14.52 33.84 -10.34
CA ALA B 159 -15.69 33.58 -11.10
C ALA B 159 -15.50 32.30 -11.92
N ALA B 160 -14.30 32.06 -12.38
CA ALA B 160 -14.00 30.90 -13.15
C ALA B 160 -14.12 29.68 -12.24
N ARG B 161 -13.48 29.73 -11.07
CA ARG B 161 -13.55 28.62 -10.12
C ARG B 161 -14.97 28.40 -9.60
N THR B 162 -15.74 29.48 -9.44
CA THR B 162 -17.15 29.34 -9.07
C THR B 162 -17.90 28.42 -10.05
N VAL B 163 -17.55 28.51 -11.33
CA VAL B 163 -18.22 27.67 -12.33
C VAL B 163 -17.80 26.22 -12.17
N ILE B 164 -16.48 25.99 -12.06
CA ILE B 164 -15.95 24.65 -11.87
C ILE B 164 -16.51 24.01 -10.61
N TYR B 165 -16.64 24.77 -9.54
CA TYR B 165 -17.19 24.24 -8.31
C TYR B 165 -18.61 23.74 -8.47
N TYR B 166 -19.39 24.41 -9.28
CA TYR B 166 -20.74 23.98 -9.51
C TYR B 166 -20.74 22.75 -10.38
N VAL B 167 -19.92 22.75 -11.41
CA VAL B 167 -19.84 21.62 -12.29
C VAL B 167 -19.43 20.36 -11.51
N LEU B 168 -18.37 20.46 -10.71
CA LEU B 168 -17.89 19.36 -9.92
C LEU B 168 -18.94 18.91 -8.94
N GLY B 169 -19.50 19.83 -8.20
CA GLY B 169 -20.52 19.51 -7.25
C GLY B 169 -21.68 18.76 -7.84
N PHE B 170 -22.16 19.19 -8.99
CA PHE B 170 -23.25 18.56 -9.67
C PHE B 170 -22.88 17.18 -10.17
N THR B 171 -21.79 17.09 -10.88
CA THR B 171 -21.37 15.84 -11.44
C THR B 171 -21.02 14.78 -10.40
N VAL B 172 -20.43 15.19 -9.29
CA VAL B 172 -20.10 14.30 -8.21
C VAL B 172 -21.41 13.76 -7.70
N ASP B 173 -22.38 14.64 -7.44
CA ASP B 173 -23.67 14.18 -6.96
C ASP B 173 -24.32 13.24 -7.98
N GLU B 174 -24.22 13.59 -9.26
CA GLU B 174 -24.93 12.82 -10.28
C GLU B 174 -24.37 11.40 -10.39
N GLN B 175 -23.04 11.27 -10.53
CA GLN B 175 -22.43 9.95 -10.63
C GLN B 175 -22.72 9.09 -9.41
N SER B 176 -22.79 9.70 -8.22
CA SER B 176 -23.09 8.89 -7.03
C SER B 176 -24.54 8.40 -7.04
N ARG B 177 -25.47 9.25 -7.48
CA ARG B 177 -26.86 8.82 -7.66
C ARG B 177 -26.98 7.77 -8.76
N LEU B 178 -26.18 7.90 -9.83
CA LEU B 178 -26.25 6.89 -10.90
C LEU B 178 -25.81 5.53 -10.40
N GLN B 179 -24.96 5.52 -9.39
CA GLN B 179 -24.48 4.28 -8.85
C GLN B 179 -25.44 3.69 -7.83
N TRP B 180 -26.33 4.49 -7.28
CA TRP B 180 -27.31 3.97 -6.33
C TRP B 180 -28.55 3.44 -7.10
N ASP B 181 -28.37 2.34 -7.81
CA ASP B 181 -29.40 1.71 -8.63
C ASP B 181 -29.43 0.22 -8.31
N ALA B 182 -29.78 -0.08 -7.07
CA ALA B 182 -29.80 -1.42 -6.53
C ALA B 182 -28.40 -2.01 -6.62
N ASP B 196 -33.76 15.97 -18.50
CA ASP B 196 -33.70 16.23 -17.07
C ASP B 196 -32.31 16.21 -16.42
N GLY B 197 -31.52 15.16 -16.60
CA GLY B 197 -30.23 15.27 -15.95
C GLY B 197 -29.46 16.39 -16.59
N THR B 198 -29.47 16.46 -17.91
CA THR B 198 -28.79 17.52 -18.62
C THR B 198 -29.63 18.78 -18.60
N ARG B 199 -30.90 18.64 -18.36
CA ARG B 199 -31.76 19.80 -18.33
C ARG B 199 -31.36 20.75 -17.24
N GLN B 200 -31.29 20.18 -16.06
CA GLN B 200 -30.92 20.82 -14.85
C GLN B 200 -29.48 21.30 -14.77
N PHE B 201 -28.62 20.65 -15.48
CA PHE B 201 -27.22 20.92 -15.48
C PHE B 201 -27.20 22.26 -16.18
N ARG B 202 -27.80 22.34 -17.35
CA ARG B 202 -27.75 23.57 -18.11
C ARG B 202 -28.54 24.69 -17.45
N PHE B 203 -29.58 24.33 -16.67
CA PHE B 203 -30.31 25.34 -15.91
C PHE B 203 -29.41 26.03 -14.89
N GLY B 204 -28.74 25.24 -14.04
CA GLY B 204 -27.82 25.82 -13.08
C GLY B 204 -26.70 26.60 -13.74
N LEU B 205 -26.14 26.05 -14.82
CA LEU B 205 -25.12 26.78 -15.58
C LEU B 205 -25.64 28.12 -16.13
N GLN B 206 -26.96 28.24 -16.37
CA GLN B 206 -27.45 29.49 -16.91
C GLN B 206 -27.64 30.54 -15.82
N LEU B 207 -28.17 30.12 -14.66
CA LEU B 207 -28.16 30.95 -13.45
C LEU B 207 -26.80 31.62 -13.27
N LEU B 208 -25.72 30.90 -13.59
CA LEU B 208 -24.37 31.45 -13.47
C LEU B 208 -24.10 32.48 -14.57
N VAL B 209 -24.39 32.13 -15.82
CA VAL B 209 -24.10 33.05 -16.93
C VAL B 209 -24.89 34.34 -16.74
N ASP B 210 -26.12 34.23 -16.22
CA ASP B 210 -26.93 35.41 -15.93
C ASP B 210 -26.26 36.27 -14.87
N GLY B 211 -25.91 35.67 -13.72
CA GLY B 211 -25.19 36.39 -12.69
C GLY B 211 -23.90 37.04 -13.18
N LEU B 212 -23.21 36.40 -14.13
CA LEU B 212 -22.00 37.01 -14.68
C LEU B 212 -22.28 38.33 -15.39
N ALA B 213 -23.52 38.54 -15.87
CA ALA B 213 -23.87 39.75 -16.63
C ALA B 213 -24.34 40.83 -15.66
N ALA B 214 -23.47 41.81 -15.40
CA ALA B 214 -23.83 42.97 -14.58
C ALA B 214 -23.24 44.25 -15.18
#